data_6GWP
#
_entry.id   6GWP
#
_cell.length_a   43.681
_cell.length_b   70.797
_cell.length_c   98.513
_cell.angle_alpha   90.000
_cell.angle_beta   97.480
_cell.angle_gamma   90.000
#
_symmetry.space_group_name_H-M   'P 1 21 1'
#
loop_
_entity.id
_entity.type
_entity.pdbx_description
1 polymer 'Plasminogen Activator Inhibitor-1'
2 polymer VHH-2g-42
3 polymer VHH-2w-64
4 water water
#
loop_
_entity_poly.entity_id
_entity_poly.type
_entity_poly.pdbx_seq_one_letter_code
_entity_poly.pdbx_strand_id
1 'polypeptide(L)'
;VHHPPSYVAHLASDFGVRVFQQVAQASKDRNVVFSPYGVASVLAMLQLTTGGETQQQIQAAMGFKIDDKGMAPALRHLYK
ELMGPWNKDEISTTDAIFVQRDLKLVQGFMPHFFRLFRSTVKQVDFSEVERARFIINDWVKTHTKGMISHLLGTGAVDQL
TRLVLVNALYFNGQWKTPFPDSSTHRRLFHKSDGSTVSVPMMAQTNKFNYTEFTTPDGHYYDILELPYHGDTLSMFIAAP
YEKEVPLSALTNILSAQLISHWKGNMTRLPRLLVLPKFSLETEVDLRKPLENLGMTDMFRPFQADFTSLSDQEPLHVALA
LQKVKIEVNESGTVASSSTAVIVSARMAPEEIIIDRPFLFVVRHNPTGTVLFMGQVMEP
;
A
2 'polypeptide(L)'
;QVQLVESGGGLVQPGGRLRLSCAASGFTFRTYAMQWYRQSPGTERELVAAISNIGGVTDYGDSVKGRFTISRDNAKTTVY
LEMNSLKPEDTATYYCSAVRLPQRYWGRGTQVTVSS
;
B
3 'polypeptide(L)'
;QVQLVESGGGLVQAGGSLRLSCAASGFTFDDYSIAWFRQAPGKEREGVSCISSSDGSAYYADSVKGRFTISSDNAKNTVY
LQMNSLKPEDTAVYYCAAVWARVCRNPYDYWGQGTQVTVSS
;
C
#
# COMPACT_ATOMS: atom_id res chain seq x y z
N SER A 6 -18.69 -8.04 -6.52
CA SER A 6 -17.31 -8.18 -6.96
C SER A 6 -16.77 -6.91 -7.59
N TYR A 7 -17.33 -5.80 -7.17
CA TYR A 7 -16.90 -4.51 -7.60
C TYR A 7 -16.00 -4.18 -6.45
N VAL A 8 -16.35 -4.72 -5.30
CA VAL A 8 -15.63 -4.56 -4.04
C VAL A 8 -14.31 -5.32 -4.05
N ALA A 9 -14.32 -6.52 -4.61
CA ALA A 9 -13.13 -7.33 -4.73
C ALA A 9 -12.02 -6.62 -5.52
N HIS A 10 -12.40 -5.93 -6.61
CA HIS A 10 -11.42 -5.23 -7.43
C HIS A 10 -10.81 -4.04 -6.68
N LEU A 11 -11.65 -3.18 -6.11
CA LEU A 11 -11.14 -1.98 -5.41
C LEU A 11 -10.31 -2.32 -4.15
N ALA A 12 -10.68 -3.38 -3.44
CA ALA A 12 -9.95 -3.78 -2.26
C ALA A 12 -8.53 -4.24 -2.61
N SER A 13 -8.42 -5.11 -3.61
CA SER A 13 -7.13 -5.60 -4.10
C SER A 13 -6.25 -4.47 -4.60
N ASP A 14 -6.84 -3.59 -5.39
CA ASP A 14 -6.12 -2.42 -5.87
C ASP A 14 -5.53 -1.61 -4.71
N PHE A 15 -6.34 -1.33 -3.70
CA PHE A 15 -5.87 -0.60 -2.52
C PHE A 15 -4.83 -1.43 -1.77
N GLY A 16 -5.12 -2.71 -1.59
CA GLY A 16 -4.22 -3.63 -0.90
C GLY A 16 -2.84 -3.77 -1.51
N VAL A 17 -2.78 -3.84 -2.84
CA VAL A 17 -1.50 -3.93 -3.56
C VAL A 17 -0.71 -2.63 -3.49
N ARG A 18 -1.40 -1.47 -3.49
CA ARG A 18 -0.70 -0.21 -3.29
C ARG A 18 -0.04 -0.14 -1.91
N VAL A 19 -0.69 -0.72 -0.91
CA VAL A 19 -0.09 -0.79 0.43
C VAL A 19 1.15 -1.71 0.41
N PHE A 20 1.07 -2.86 -0.26
CA PHE A 20 2.22 -3.79 -0.37
C PHE A 20 3.44 -3.09 -0.93
N GLN A 21 3.21 -2.35 -2.02
CA GLN A 21 4.20 -1.54 -2.69
C GLN A 21 5.02 -0.68 -1.74
N GLN A 22 4.33 0.01 -0.82
CA GLN A 22 4.98 0.83 0.20
C GLN A 22 5.79 0.00 1.18
N VAL A 23 5.30 -1.20 1.50
CA VAL A 23 5.98 -2.11 2.42
C VAL A 23 7.26 -2.64 1.78
N ALA A 24 7.18 -2.98 0.49
CA ALA A 24 8.33 -3.47 -0.27
C ALA A 24 9.43 -2.41 -0.43
N GLN A 25 9.02 -1.17 -0.72
CA GLN A 25 9.98 -0.07 -0.90
C GLN A 25 10.73 0.28 0.39
N ALA A 26 10.19 -0.08 1.54
CA ALA A 26 10.87 0.13 2.84
C ALA A 26 11.65 -1.10 3.33
N SER A 27 11.61 -2.21 2.59
CA SER A 27 12.34 -3.40 3.00
C SER A 27 12.95 -4.07 1.78
N LYS A 28 13.92 -3.36 1.21
CA LYS A 28 14.64 -3.85 0.05
C LYS A 28 15.59 -4.94 0.51
N ASP A 29 15.73 -5.98 -0.30
CA ASP A 29 16.59 -7.11 0.03
C ASP A 29 16.23 -7.78 1.36
N ARG A 30 14.95 -7.68 1.77
CA ARG A 30 14.43 -8.49 2.86
C ARG A 30 13.10 -9.14 2.44
N ASN A 31 12.86 -10.35 2.94
CA ASN A 31 11.64 -11.08 2.59
C ASN A 31 10.41 -10.36 3.14
N VAL A 32 9.30 -10.42 2.41
CA VAL A 32 8.05 -9.86 2.88
C VAL A 32 6.88 -10.72 2.44
N VAL A 33 5.99 -11.03 3.38
CA VAL A 33 4.71 -11.60 3.02
C VAL A 33 3.62 -10.66 3.57
N PHE A 34 2.57 -10.46 2.78
CA PHE A 34 1.55 -9.43 3.05
C PHE A 34 0.19 -9.81 2.47
N SER A 35 -0.89 -9.25 3.04
CA SER A 35 -2.24 -9.53 2.56
C SER A 35 -3.01 -8.26 2.15
N PRO A 36 -3.12 -8.01 0.82
CA PRO A 36 -3.96 -6.96 0.27
C PRO A 36 -5.41 -7.06 0.67
N TYR A 37 -6.00 -8.24 0.60
CA TYR A 37 -7.39 -8.42 1.01
C TYR A 37 -7.56 -8.06 2.47
N GLY A 38 -6.60 -8.48 3.28
CA GLY A 38 -6.66 -8.33 4.73
C GLY A 38 -6.58 -6.91 5.25
N VAL A 39 -5.69 -6.12 4.67
CA VAL A 39 -5.56 -4.71 5.04
C VAL A 39 -6.80 -3.91 4.58
N ALA A 40 -7.32 -4.28 3.42
CA ALA A 40 -8.53 -3.70 2.87
C ALA A 40 -9.71 -3.99 3.78
N SER A 41 -9.80 -5.23 4.26
CA SER A 41 -10.86 -5.67 5.14
C SER A 41 -10.89 -4.94 6.48
N VAL A 42 -9.74 -4.80 7.10
CA VAL A 42 -9.68 -4.14 8.37
C VAL A 42 -9.89 -2.64 8.30
N LEU A 43 -9.54 -2.04 7.19
CA LEU A 43 -9.74 -0.64 7.03
C LEU A 43 -11.19 -0.33 6.73
N ALA A 44 -11.92 -1.28 6.18
CA ALA A 44 -13.32 -1.11 5.90
C ALA A 44 -14.01 -0.94 7.20
N MET A 45 -13.66 -1.77 8.16
CA MET A 45 -14.23 -1.70 9.50
C MET A 45 -13.94 -0.36 10.14
N LEU A 46 -12.72 0.09 9.99
CA LEU A 46 -12.30 1.33 10.59
C LEU A 46 -13.08 2.53 10.05
N GLN A 47 -13.41 2.53 8.76
CA GLN A 47 -14.27 3.57 8.15
C GLN A 47 -15.51 3.88 8.99
N LEU A 48 -16.14 2.84 9.53
CA LEU A 48 -17.38 3.01 10.32
C LEU A 48 -17.17 3.72 11.66
N THR A 49 -15.96 3.66 12.20
CA THR A 49 -15.62 4.35 13.45
C THR A 49 -15.17 5.79 13.21
N THR A 50 -14.86 6.12 11.96
CA THR A 50 -14.27 7.44 11.65
C THR A 50 -15.32 8.40 11.12
N GLY A 51 -14.99 9.69 11.11
CA GLY A 51 -15.85 10.73 10.51
C GLY A 51 -15.03 11.83 9.89
N GLY A 52 -15.73 12.82 9.33
CA GLY A 52 -15.10 14.03 8.77
C GLY A 52 -13.94 13.76 7.82
N GLU A 53 -12.86 14.54 7.97
CA GLU A 53 -11.69 14.42 7.11
C GLU A 53 -10.91 13.10 7.28
N THR A 54 -11.00 12.45 8.44
CA THR A 54 -10.35 11.16 8.66
C THR A 54 -11.05 10.09 7.82
N GLN A 55 -12.39 10.11 7.83
CA GLN A 55 -13.16 9.19 7.00
C GLN A 55 -12.93 9.42 5.50
N GLN A 56 -12.84 10.68 5.09
CA GLN A 56 -12.56 11.00 3.68
C GLN A 56 -11.18 10.54 3.26
N GLN A 57 -10.19 10.71 4.12
CA GLN A 57 -8.84 10.26 3.79
C GLN A 57 -8.84 8.73 3.49
N ILE A 58 -9.48 7.93 4.35
CA ILE A 58 -9.55 6.46 4.17
C ILE A 58 -10.34 6.07 2.92
N GLN A 59 -11.46 6.76 2.69
CA GLN A 59 -12.32 6.48 1.55
C GLN A 59 -11.72 6.87 0.19
N ALA A 60 -10.93 7.92 0.15
CA ALA A 60 -10.26 8.33 -1.11
C ALA A 60 -9.16 7.34 -1.51
N ALA A 61 -8.41 6.85 -0.52
CA ALA A 61 -7.39 5.84 -0.78
C ALA A 61 -8.05 4.52 -1.21
N MET A 62 -9.16 4.18 -0.57
CA MET A 62 -9.81 2.88 -0.75
C MET A 62 -10.73 2.81 -1.96
N GLY A 63 -11.28 3.94 -2.37
CA GLY A 63 -12.14 3.99 -3.56
C GLY A 63 -13.60 3.65 -3.32
N PHE A 64 -14.01 3.44 -2.07
CA PHE A 64 -15.43 3.22 -1.76
C PHE A 64 -15.73 3.52 -0.30
N LYS A 65 -17.02 3.65 -0.01
CA LYS A 65 -17.56 3.89 1.33
C LYS A 65 -18.27 2.65 1.84
N ILE A 66 -18.04 2.30 3.10
CA ILE A 66 -18.64 1.11 3.67
C ILE A 66 -20.15 1.29 3.94
N ASP A 67 -20.57 2.54 4.09
CA ASP A 67 -21.99 2.85 4.32
C ASP A 67 -22.85 2.66 3.07
N ASP A 68 -22.28 2.75 1.88
CA ASP A 68 -23.06 2.67 0.66
C ASP A 68 -23.85 1.36 0.59
N LYS A 69 -25.03 1.42 -0.03
CA LYS A 69 -25.97 0.30 -0.09
C LYS A 69 -25.35 -0.92 -0.77
N GLY A 70 -25.43 -2.06 -0.09
CA GLY A 70 -24.98 -3.33 -0.64
C GLY A 70 -23.47 -3.46 -0.75
N MET A 71 -22.74 -2.83 0.17
CA MET A 71 -21.28 -2.90 0.16
C MET A 71 -20.74 -3.76 1.31
N ALA A 72 -21.28 -3.55 2.51
CA ALA A 72 -20.96 -4.43 3.64
C ALA A 72 -21.43 -5.89 3.41
N PRO A 73 -22.62 -6.07 2.80
CA PRO A 73 -23.05 -7.42 2.39
C PRO A 73 -22.19 -8.07 1.30
N ALA A 74 -21.58 -7.26 0.43
CA ALA A 74 -20.70 -7.77 -0.61
C ALA A 74 -19.40 -8.28 0.02
N LEU A 75 -18.84 -7.52 0.95
CA LEU A 75 -17.66 -8.00 1.70
C LEU A 75 -17.95 -9.33 2.39
N ARG A 76 -19.07 -9.43 3.09
CA ARG A 76 -19.45 -10.68 3.75
C ARG A 76 -19.55 -11.84 2.74
N HIS A 77 -20.14 -11.57 1.56
CA HIS A 77 -20.25 -12.58 0.50
C HIS A 77 -18.86 -12.95 -0.02
N LEU A 78 -18.00 -11.95 -0.15
CA LEU A 78 -16.63 -12.16 -0.60
C LEU A 78 -15.87 -13.04 0.38
N TYR A 79 -15.92 -12.68 1.66
CA TYR A 79 -15.30 -13.46 2.73
C TYR A 79 -15.60 -14.96 2.60
N LYS A 80 -16.89 -15.30 2.49
CA LYS A 80 -17.32 -16.69 2.47
C LYS A 80 -16.92 -17.44 1.19
N GLU A 81 -16.73 -16.72 0.09
CA GLU A 81 -16.32 -17.32 -1.20
C GLU A 81 -14.83 -17.70 -1.21
N LEU A 82 -14.04 -17.00 -0.42
CA LEU A 82 -12.61 -17.27 -0.33
C LEU A 82 -12.32 -18.41 0.66
N MET A 83 -13.11 -18.47 1.74
CA MET A 83 -12.90 -19.43 2.84
C MET A 83 -13.81 -20.67 2.82
N GLY A 84 -14.96 -20.57 2.18
CA GLY A 84 -15.87 -21.71 2.10
C GLY A 84 -15.30 -22.81 1.24
N PRO A 85 -14.54 -22.42 0.25
CA PRO A 85 -13.91 -23.31 -0.71
C PRO A 85 -13.18 -24.47 -0.09
N TRP A 86 -12.09 -24.17 0.60
CA TRP A 86 -11.30 -25.18 1.28
C TRP A 86 -10.87 -24.64 2.61
N ASN A 87 -11.26 -25.36 3.63
CA ASN A 87 -11.05 -24.95 4.98
C ASN A 87 -9.96 -25.65 5.77
N LYS A 88 -10.35 -26.30 6.85
CA LYS A 88 -9.49 -27.02 7.76
C LYS A 88 -8.46 -26.10 8.33
N ASP A 89 -7.27 -26.64 8.56
CA ASP A 89 -6.20 -25.82 9.11
C ASP A 89 -5.33 -25.40 7.94
N GLU A 90 -5.97 -24.98 6.84
CA GLU A 90 -5.15 -24.59 5.70
C GLU A 90 -5.16 -23.07 5.49
N ILE A 91 -6.30 -22.43 5.78
CA ILE A 91 -6.43 -20.98 5.69
C ILE A 91 -7.14 -20.42 6.93
N SER A 92 -6.77 -19.20 7.31
CA SER A 92 -7.22 -18.63 8.57
C SER A 92 -7.00 -17.11 8.57
N THR A 93 -8.04 -16.36 8.96
CA THR A 93 -8.05 -14.90 8.83
C THR A 93 -8.78 -14.25 10.00
N THR A 94 -8.42 -13.01 10.32
CA THR A 94 -9.10 -12.31 11.40
C THR A 94 -8.76 -10.82 11.40
N ASP A 95 -9.79 -10.02 11.71
CA ASP A 95 -9.72 -8.57 11.91
C ASP A 95 -10.20 -8.24 13.31
N ALA A 96 -9.60 -7.23 13.94
CA ALA A 96 -10.13 -6.75 15.21
C ALA A 96 -9.69 -5.34 15.55
N ILE A 97 -10.65 -4.57 16.08
CA ILE A 97 -10.39 -3.24 16.64
C ILE A 97 -10.56 -3.29 18.17
N PHE A 98 -9.62 -2.71 18.91
CA PHE A 98 -9.71 -2.66 20.37
C PHE A 98 -9.78 -1.21 20.91
N VAL A 99 -10.82 -0.89 21.67
CA VAL A 99 -10.96 0.48 22.20
C VAL A 99 -11.01 0.48 23.72
N GLN A 100 -10.42 1.50 24.33
CA GLN A 100 -10.51 1.68 25.79
C GLN A 100 -11.94 1.49 26.33
N ARG A 101 -12.04 0.70 27.40
CA ARG A 101 -13.30 0.13 27.88
C ARG A 101 -14.31 1.12 28.44
N ASP A 102 -13.85 2.15 29.11
CA ASP A 102 -14.77 3.02 29.86
C ASP A 102 -15.16 4.32 29.11
N LEU A 103 -14.97 4.33 27.79
CA LEU A 103 -15.45 5.42 26.96
C LEU A 103 -16.93 5.31 26.73
N LYS A 104 -17.63 6.43 26.87
CA LYS A 104 -19.00 6.52 26.41
C LYS A 104 -18.96 6.49 24.89
N LEU A 105 -19.62 5.51 24.30
CA LEU A 105 -19.67 5.37 22.85
C LEU A 105 -20.93 6.03 22.31
N VAL A 106 -20.94 6.32 21.01
CA VAL A 106 -22.14 6.93 20.39
C VAL A 106 -23.32 5.97 20.53
N GLN A 107 -24.49 6.54 20.83
CA GLN A 107 -25.73 5.78 20.89
C GLN A 107 -25.90 4.93 19.65
N GLY A 108 -26.23 3.66 19.84
CA GLY A 108 -26.52 2.75 18.73
C GLY A 108 -25.32 2.23 17.92
N PHE A 109 -24.10 2.63 18.29
CA PHE A 109 -22.94 2.22 17.50
C PHE A 109 -22.67 0.71 17.56
N MET A 110 -22.57 0.15 18.76
CA MET A 110 -22.24 -1.29 18.94
C MET A 110 -23.19 -2.21 18.13
N PRO A 111 -24.51 -1.99 18.25
CA PRO A 111 -25.45 -2.77 17.40
C PRO A 111 -25.28 -2.51 15.90
N HIS A 112 -25.06 -1.26 15.53
CA HIS A 112 -24.84 -0.88 14.12
C HIS A 112 -23.59 -1.55 13.55
N PHE A 113 -22.50 -1.54 14.31
CA PHE A 113 -21.26 -2.23 13.87
C PHE A 113 -21.49 -3.74 13.66
N PHE A 114 -22.30 -4.33 14.54
CA PHE A 114 -22.60 -5.77 14.51
C PHE A 114 -23.44 -6.18 13.28
N ARG A 115 -24.36 -5.29 12.86
CA ARG A 115 -25.18 -5.55 11.67
C ARG A 115 -24.35 -5.61 10.41
N LEU A 116 -23.37 -4.72 10.28
CA LEU A 116 -22.54 -4.65 9.08
C LEU A 116 -21.48 -5.75 9.00
N PHE A 117 -20.80 -6.02 10.10
CA PHE A 117 -19.59 -6.87 10.07
C PHE A 117 -19.66 -8.23 10.79
N ARG A 118 -20.67 -8.42 11.62
CA ARG A 118 -20.86 -9.67 12.38
C ARG A 118 -19.86 -9.89 13.51
N SER A 119 -19.42 -8.80 14.14
CA SER A 119 -18.57 -8.90 15.33
C SER A 119 -18.55 -7.57 16.07
N THR A 120 -18.04 -7.59 17.31
CA THR A 120 -17.99 -6.39 18.13
C THR A 120 -16.69 -5.62 17.94
N VAL A 121 -16.72 -4.35 18.32
CA VAL A 121 -15.52 -3.58 18.59
C VAL A 121 -15.14 -3.92 20.03
N LYS A 122 -13.95 -4.48 20.24
CA LYS A 122 -13.56 -4.98 21.56
C LYS A 122 -13.25 -3.85 22.52
N GLN A 123 -13.73 -4.01 23.74
CA GLN A 123 -13.56 -3.04 24.80
C GLN A 123 -12.68 -3.60 25.89
N VAL A 124 -11.54 -2.96 26.13
CA VAL A 124 -10.58 -3.45 27.10
C VAL A 124 -10.00 -2.28 27.89
N ASP A 125 -9.72 -2.54 29.16
CA ASP A 125 -9.12 -1.58 30.07
C ASP A 125 -7.61 -1.57 29.86
N PHE A 126 -7.13 -0.60 29.07
CA PHE A 126 -5.71 -0.52 28.74
C PHE A 126 -4.79 -0.21 29.91
N SER A 127 -5.32 0.29 31.02
CA SER A 127 -4.51 0.54 32.21
C SER A 127 -4.18 -0.77 32.91
N GLU A 128 -4.97 -1.82 32.67
CA GLU A 128 -4.57 -3.21 32.97
C GLU A 128 -3.66 -3.71 31.85
N VAL A 129 -2.50 -3.07 31.72
CA VAL A 129 -1.59 -3.27 30.59
C VAL A 129 -1.41 -4.74 30.21
N GLU A 130 -1.10 -5.56 31.20
CA GLU A 130 -0.72 -6.95 30.95
C GLU A 130 -1.91 -7.75 30.47
N ARG A 131 -3.02 -7.61 31.20
CA ARG A 131 -4.31 -8.15 30.80
C ARG A 131 -4.62 -7.84 29.34
N ALA A 132 -4.49 -6.57 28.96
CA ALA A 132 -4.82 -6.13 27.59
C ALA A 132 -3.88 -6.69 26.51
N ARG A 133 -2.59 -6.83 26.84
CA ARG A 133 -1.67 -7.50 25.93
C ARG A 133 -2.13 -8.92 25.66
N PHE A 134 -2.46 -9.64 26.72
CA PHE A 134 -2.89 -11.04 26.58
C PHE A 134 -4.18 -11.14 25.77
N ILE A 135 -5.16 -10.28 26.06
CA ILE A 135 -6.41 -10.32 25.33
C ILE A 135 -6.22 -10.13 23.85
N ILE A 136 -5.30 -9.24 23.45
CA ILE A 136 -5.03 -8.99 22.03
C ILE A 136 -4.20 -10.11 21.37
N ASN A 137 -3.19 -10.61 22.06
CA ASN A 137 -2.44 -11.78 21.56
C ASN A 137 -3.28 -13.07 21.55
N ASP A 138 -4.11 -13.29 22.57
CA ASP A 138 -4.99 -14.47 22.57
C ASP A 138 -6.06 -14.41 21.47
N TRP A 139 -6.52 -13.20 21.11
CA TRP A 139 -7.43 -13.06 19.95
C TRP A 139 -6.78 -13.55 18.65
N VAL A 140 -5.56 -13.08 18.38
CA VAL A 140 -4.84 -13.55 17.21
C VAL A 140 -4.56 -15.06 17.30
N LYS A 141 -4.09 -15.51 18.47
CA LYS A 141 -3.73 -16.91 18.70
C LYS A 141 -4.91 -17.88 18.54
N THR A 142 -6.01 -17.63 19.23
CA THR A 142 -7.20 -18.49 19.08
C THR A 142 -7.66 -18.52 17.62
N HIS A 143 -7.74 -17.35 16.97
CA HIS A 143 -8.34 -17.20 15.63
C HIS A 143 -7.47 -17.60 14.44
N THR A 144 -6.18 -17.88 14.67
CA THR A 144 -5.26 -18.41 13.64
C THR A 144 -4.77 -19.82 13.97
N LYS A 145 -5.53 -20.52 14.81
CA LYS A 145 -5.22 -21.87 15.28
C LYS A 145 -3.80 -22.02 15.83
N GLY A 146 -3.29 -20.97 16.46
CA GLY A 146 -1.96 -20.98 17.07
C GLY A 146 -0.79 -21.05 16.09
N MET A 147 -1.01 -20.72 14.82
CA MET A 147 0.05 -20.81 13.78
C MET A 147 0.95 -19.59 13.68
N ILE A 148 0.57 -18.48 14.29
CA ILE A 148 1.38 -17.27 14.26
C ILE A 148 1.92 -16.92 15.64
N SER A 149 3.20 -16.58 15.72
CA SER A 149 3.87 -16.18 16.96
C SER A 149 3.44 -14.81 17.48
N HIS A 150 3.70 -14.55 18.75
CA HIS A 150 3.13 -13.42 19.46
C HIS A 150 3.49 -12.09 18.78
N LEU A 151 2.52 -11.16 18.77
CA LEU A 151 2.74 -9.87 18.15
C LEU A 151 3.83 -9.11 18.91
N LEU A 152 4.81 -8.60 18.17
CA LEU A 152 5.90 -7.81 18.74
C LEU A 152 5.42 -6.40 19.11
N GLY A 153 4.64 -5.79 18.22
CA GLY A 153 4.25 -4.38 18.33
C GLY A 153 3.44 -4.00 19.56
N THR A 154 2.75 -4.97 20.14
CA THR A 154 1.98 -4.79 21.36
C THR A 154 2.82 -4.47 22.62
N GLY A 155 4.14 -4.54 22.53
CA GLY A 155 5.01 -3.93 23.55
C GLY A 155 4.82 -2.42 23.71
N ALA A 156 4.37 -1.75 22.66
CA ALA A 156 4.06 -0.32 22.73
C ALA A 156 2.77 -0.03 23.52
N VAL A 157 1.86 -1.00 23.58
CA VAL A 157 0.63 -0.87 24.33
C VAL A 157 0.87 -0.55 25.82
N ASP A 158 0.22 0.52 26.29
CA ASP A 158 0.38 0.99 27.68
C ASP A 158 -0.91 1.62 28.21
N GLN A 159 -0.80 2.19 29.40
CA GLN A 159 -1.88 2.88 30.09
C GLN A 159 -2.61 3.96 29.28
N LEU A 160 -1.88 4.63 28.40
CA LEU A 160 -2.40 5.76 27.62
C LEU A 160 -3.04 5.31 26.31
N THR A 161 -2.84 4.05 25.95
CA THR A 161 -3.36 3.52 24.70
C THR A 161 -4.88 3.49 24.72
N ARG A 162 -5.48 3.91 23.62
CA ARG A 162 -6.94 4.03 23.54
C ARG A 162 -7.56 3.24 22.40
N LEU A 163 -6.83 3.12 21.29
CA LEU A 163 -7.32 2.38 20.13
C LEU A 163 -6.21 1.56 19.43
N VAL A 164 -6.54 0.34 19.05
CA VAL A 164 -5.58 -0.59 18.41
C VAL A 164 -6.30 -1.44 17.38
N LEU A 165 -5.72 -1.60 16.19
CA LEU A 165 -6.30 -2.52 15.20
C LEU A 165 -5.28 -3.57 14.75
N VAL A 166 -5.73 -4.81 14.62
CA VAL A 166 -4.89 -5.88 14.15
C VAL A 166 -5.58 -6.66 13.03
N ASN A 167 -4.74 -7.25 12.19
CA ASN A 167 -5.15 -8.18 11.13
C ASN A 167 -4.13 -9.32 11.10
N ALA A 168 -4.59 -10.57 11.05
CA ALA A 168 -3.68 -11.73 10.98
C ALA A 168 -4.23 -12.82 10.08
N LEU A 169 -3.35 -13.36 9.24
CA LEU A 169 -3.72 -14.44 8.32
C LEU A 169 -2.67 -15.56 8.33
N TYR A 170 -3.12 -16.80 8.14
CA TYR A 170 -2.22 -17.93 7.92
C TYR A 170 -2.67 -18.68 6.67
N PHE A 171 -1.71 -19.15 5.86
CA PHE A 171 -2.05 -19.94 4.66
C PHE A 171 -1.04 -21.05 4.35
N ASN A 172 -1.55 -22.26 4.14
CA ASN A 172 -0.76 -23.44 3.74
C ASN A 172 -1.63 -24.36 2.87
N GLY A 173 -1.61 -24.11 1.55
CA GLY A 173 -2.45 -24.88 0.62
C GLY A 173 -1.78 -26.09 0.00
N GLN A 174 -2.56 -27.17 -0.14
CA GLN A 174 -2.27 -28.25 -1.09
C GLN A 174 -2.52 -27.78 -2.54
N TRP A 175 -1.65 -28.20 -3.45
CA TRP A 175 -1.74 -27.85 -4.86
C TRP A 175 -2.79 -28.68 -5.56
N LYS A 176 -3.12 -28.31 -6.79
CA LYS A 176 -3.89 -29.21 -7.68
C LYS A 176 -3.08 -30.46 -8.01
N THR A 177 -1.84 -30.26 -8.44
CA THR A 177 -0.92 -31.38 -8.68
C THR A 177 0.23 -31.25 -7.69
N PRO A 178 0.47 -32.30 -6.89
CA PRO A 178 1.57 -32.18 -5.94
C PRO A 178 2.93 -32.12 -6.65
N PHE A 179 3.94 -31.59 -5.96
CA PHE A 179 5.32 -31.71 -6.40
C PHE A 179 5.77 -33.10 -6.00
N PRO A 180 6.25 -33.90 -6.97
CA PRO A 180 6.85 -35.19 -6.63
C PRO A 180 7.98 -35.02 -5.62
N ASP A 181 7.90 -35.75 -4.52
CA ASP A 181 8.80 -35.51 -3.39
C ASP A 181 10.26 -35.88 -3.65
N SER A 182 10.50 -36.98 -4.36
CA SER A 182 11.86 -37.46 -4.63
C SER A 182 12.77 -36.50 -5.43
N SER A 183 12.18 -35.46 -6.03
CA SER A 183 12.95 -34.44 -6.74
C SER A 183 13.23 -33.20 -5.86
N THR A 184 12.97 -33.32 -4.56
CA THR A 184 13.27 -32.23 -3.64
C THR A 184 14.73 -32.35 -3.18
N HIS A 185 15.53 -31.32 -3.43
CA HIS A 185 16.93 -31.35 -3.03
C HIS A 185 17.49 -29.98 -2.70
N ARG A 186 18.81 -29.93 -2.51
CA ARG A 186 19.50 -28.69 -2.17
C ARG A 186 20.10 -28.08 -3.44
N ARG A 187 19.96 -26.77 -3.61
CA ARG A 187 20.46 -26.06 -4.81
C ARG A 187 20.91 -24.65 -4.44
N LEU A 188 21.88 -24.11 -5.16
CA LEU A 188 22.37 -22.74 -4.94
C LEU A 188 21.30 -21.70 -5.31
N PHE A 189 21.04 -20.79 -4.40
CA PHE A 189 20.15 -19.66 -4.64
C PHE A 189 21.00 -18.39 -4.77
N HIS A 190 20.76 -17.59 -5.81
CA HIS A 190 21.58 -16.43 -6.11
C HIS A 190 20.96 -15.17 -5.54
N LYS A 191 21.44 -14.76 -4.36
CA LYS A 191 20.93 -13.56 -3.69
C LYS A 191 21.22 -12.29 -4.48
N SER A 192 20.54 -11.19 -4.12
CA SER A 192 20.63 -9.94 -4.86
C SER A 192 22.02 -9.29 -4.78
N ASP A 193 22.70 -9.53 -3.65
CA ASP A 193 24.10 -9.10 -3.50
C ASP A 193 25.14 -10.07 -4.15
N GLY A 194 24.70 -11.00 -4.99
CA GLY A 194 25.64 -11.86 -5.73
C GLY A 194 26.17 -13.10 -5.01
N SER A 195 25.97 -13.18 -3.69
CA SER A 195 26.36 -14.37 -2.92
C SER A 195 25.34 -15.48 -3.15
N THR A 196 25.71 -16.70 -2.84
CA THR A 196 24.80 -17.83 -2.95
C THR A 196 24.53 -18.46 -1.59
N VAL A 197 23.40 -19.17 -1.50
CA VAL A 197 23.11 -20.07 -0.39
C VAL A 197 22.40 -21.32 -0.92
N SER A 198 22.77 -22.46 -0.36
CA SER A 198 22.15 -23.73 -0.71
C SER A 198 20.80 -23.86 -0.01
N VAL A 199 19.73 -24.10 -0.77
CA VAL A 199 18.38 -24.26 -0.20
C VAL A 199 17.57 -25.37 -0.88
N PRO A 200 16.64 -26.01 -0.14
CA PRO A 200 15.83 -27.06 -0.75
C PRO A 200 14.84 -26.50 -1.77
N MET A 201 14.83 -27.12 -2.95
CA MET A 201 13.93 -26.71 -4.03
C MET A 201 13.10 -27.88 -4.52
N MET A 202 11.81 -27.65 -4.75
CA MET A 202 10.93 -28.68 -5.28
C MET A 202 10.95 -28.62 -6.80
N ALA A 203 10.62 -29.73 -7.45
CA ALA A 203 10.68 -29.82 -8.92
C ALA A 203 9.51 -30.62 -9.48
N GLN A 204 8.89 -30.09 -10.55
CA GLN A 204 7.69 -30.69 -11.14
C GLN A 204 7.59 -30.46 -12.65
N THR A 205 7.33 -31.54 -13.39
CA THR A 205 7.06 -31.51 -14.84
C THR A 205 5.54 -31.51 -15.05
N ASN A 206 5.02 -30.57 -15.82
CA ASN A 206 3.57 -30.44 -16.02
C ASN A 206 3.26 -29.38 -17.09
N LYS A 207 2.01 -29.33 -17.54
CA LYS A 207 1.54 -28.22 -18.36
C LYS A 207 1.10 -27.06 -17.47
N PHE A 208 1.78 -25.92 -17.63
CA PHE A 208 1.53 -24.76 -16.80
C PHE A 208 0.98 -23.60 -17.63
N ASN A 209 0.20 -22.75 -16.99
CA ASN A 209 -0.23 -21.50 -17.60
C ASN A 209 0.91 -20.51 -17.48
N TYR A 210 1.37 -20.01 -18.63
CA TYR A 210 2.60 -19.23 -18.68
C TYR A 210 2.48 -18.03 -19.61
N THR A 211 3.21 -16.97 -19.26
CA THR A 211 3.48 -15.91 -20.20
C THR A 211 4.78 -15.18 -19.87
N GLU A 212 5.39 -14.62 -20.91
CA GLU A 212 6.50 -13.70 -20.75
C GLU A 212 5.93 -12.35 -20.45
N PHE A 213 6.64 -11.57 -19.67
CA PHE A 213 6.30 -10.16 -19.50
C PHE A 213 7.56 -9.34 -19.76
N THR A 214 7.51 -8.48 -20.78
CA THR A 214 8.62 -7.60 -21.12
C THR A 214 8.32 -6.15 -20.75
N THR A 215 8.99 -5.67 -19.71
CA THR A 215 8.89 -4.27 -19.27
C THR A 215 9.35 -3.33 -20.39
N PRO A 216 9.04 -2.02 -20.27
CA PRO A 216 9.28 -1.11 -21.40
C PRO A 216 10.76 -0.88 -21.76
N ASP A 217 11.67 -1.22 -20.86
CA ASP A 217 13.11 -1.08 -21.14
C ASP A 217 13.72 -2.30 -21.85
N GLY A 218 12.95 -3.38 -21.98
CA GLY A 218 13.41 -4.57 -22.68
C GLY A 218 13.71 -5.82 -21.87
N HIS A 219 13.80 -5.70 -20.55
CA HIS A 219 14.00 -6.88 -19.69
C HIS A 219 12.73 -7.74 -19.60
N TYR A 220 12.87 -9.04 -19.86
CA TYR A 220 11.73 -9.96 -19.89
C TYR A 220 11.70 -10.84 -18.66
N TYR A 221 10.49 -11.32 -18.35
CA TYR A 221 10.20 -12.01 -17.10
C TYR A 221 9.42 -13.29 -17.39
N ASP A 222 9.62 -14.28 -16.53
CA ASP A 222 8.81 -15.48 -16.49
C ASP A 222 7.64 -15.26 -15.54
N ILE A 223 6.40 -15.42 -16.04
CA ILE A 223 5.20 -15.36 -15.21
C ILE A 223 4.53 -16.71 -15.27
N LEU A 224 4.43 -17.40 -14.14
CA LEU A 224 3.92 -18.77 -14.13
C LEU A 224 2.81 -18.98 -13.10
N GLU A 225 1.78 -19.73 -13.49
CA GLU A 225 0.62 -20.00 -12.62
C GLU A 225 0.61 -21.44 -12.09
N LEU A 226 0.35 -21.57 -10.79
CA LEU A 226 0.21 -22.85 -10.10
C LEU A 226 -1.17 -22.90 -9.44
N PRO A 227 -2.12 -23.67 -10.02
CA PRO A 227 -3.43 -23.72 -9.40
C PRO A 227 -3.42 -24.57 -8.13
N TYR A 228 -4.17 -24.14 -7.14
CA TYR A 228 -4.33 -24.90 -5.94
C TYR A 228 -5.48 -25.89 -6.14
N HIS A 229 -5.65 -26.77 -5.16
CA HIS A 229 -6.74 -27.74 -5.21
C HIS A 229 -8.05 -27.00 -4.96
N GLY A 230 -9.07 -27.30 -5.78
CA GLY A 230 -10.34 -26.62 -5.63
C GLY A 230 -10.51 -25.85 -6.87
N ASP A 231 -9.41 -25.75 -7.55
CA ASP A 231 -9.42 -25.06 -8.84
C ASP A 231 -9.83 -23.59 -8.74
N THR A 232 -9.76 -23.03 -7.53
CA THR A 232 -10.32 -21.71 -7.28
C THR A 232 -9.23 -20.65 -7.10
N LEU A 233 -8.23 -20.95 -6.27
CA LEU A 233 -7.11 -20.06 -6.03
C LEU A 233 -5.89 -20.50 -6.84
N SER A 234 -5.04 -19.55 -7.21
CA SER A 234 -3.77 -19.86 -7.88
C SER A 234 -2.64 -19.02 -7.30
N MET A 235 -1.44 -19.60 -7.21
CA MET A 235 -0.23 -18.82 -6.92
C MET A 235 0.48 -18.46 -8.22
N PHE A 236 0.76 -17.17 -8.40
CA PHE A 236 1.49 -16.66 -9.55
C PHE A 236 2.95 -16.44 -9.17
N ILE A 237 3.86 -16.85 -10.03
CA ILE A 237 5.28 -16.60 -9.78
C ILE A 237 5.85 -15.72 -10.87
N ALA A 238 6.54 -14.66 -10.45
CA ALA A 238 7.17 -13.74 -11.40
C ALA A 238 8.64 -13.51 -11.06
N ALA A 239 9.51 -13.63 -12.05
CA ALA A 239 10.95 -13.38 -11.86
C ALA A 239 11.59 -12.88 -13.15
N PRO A 240 12.44 -11.82 -13.07
CA PRO A 240 13.24 -11.47 -14.23
C PRO A 240 14.16 -12.64 -14.62
N TYR A 241 14.36 -12.84 -15.92
CA TYR A 241 15.22 -13.89 -16.41
C TYR A 241 16.67 -13.62 -15.99
N GLU A 242 17.17 -12.45 -16.35
CA GLU A 242 18.53 -12.06 -16.01
C GLU A 242 18.67 -11.83 -14.50
N LYS A 243 19.78 -12.28 -13.91
CA LYS A 243 20.08 -12.05 -12.50
C LYS A 243 20.44 -10.60 -12.18
N GLU A 244 20.87 -9.85 -13.19
CA GLU A 244 21.30 -8.46 -13.01
C GLU A 244 20.13 -7.48 -12.73
N VAL A 245 18.91 -7.91 -13.06
CA VAL A 245 17.71 -7.08 -12.93
C VAL A 245 17.11 -7.23 -11.53
N PRO A 246 17.21 -6.18 -10.69
CA PRO A 246 16.72 -6.30 -9.34
C PRO A 246 15.19 -6.35 -9.32
N LEU A 247 14.63 -7.01 -8.32
CA LEU A 247 13.20 -7.24 -8.29
C LEU A 247 12.38 -5.95 -8.05
N SER A 248 13.02 -4.91 -7.52
CA SER A 248 12.40 -3.60 -7.32
C SER A 248 11.93 -2.95 -8.63
N ALA A 249 12.55 -3.31 -9.74
CA ALA A 249 12.10 -2.83 -11.05
C ALA A 249 10.67 -3.26 -11.29
N LEU A 250 10.30 -4.43 -10.78
CA LEU A 250 8.95 -4.95 -10.95
C LEU A 250 7.95 -4.50 -9.86
N THR A 251 8.34 -4.53 -8.59
CA THR A 251 7.44 -4.11 -7.50
C THR A 251 7.07 -2.61 -7.59
N ASN A 252 7.96 -1.80 -8.18
CA ASN A 252 7.71 -0.36 -8.38
C ASN A 252 6.67 -0.01 -9.47
N ILE A 253 6.28 -0.98 -10.29
CA ILE A 253 5.27 -0.76 -11.33
C ILE A 253 4.13 -1.78 -11.20
N LEU A 254 4.00 -2.35 -10.01
CA LEU A 254 3.07 -3.45 -9.78
C LEU A 254 1.67 -2.93 -9.40
N SER A 255 0.64 -3.54 -9.99
CA SER A 255 -0.75 -3.21 -9.65
C SER A 255 -1.64 -4.44 -9.75
N ALA A 256 -2.83 -4.36 -9.13
CA ALA A 256 -3.76 -5.47 -9.19
C ALA A 256 -4.22 -5.74 -10.62
N GLN A 257 -4.33 -4.66 -11.41
CA GLN A 257 -4.76 -4.77 -12.81
C GLN A 257 -3.75 -5.54 -13.67
N LEU A 258 -2.47 -5.20 -13.54
CA LEU A 258 -1.40 -5.85 -14.30
C LEU A 258 -1.44 -7.36 -14.12
N ILE A 259 -1.59 -7.81 -12.89
CA ILE A 259 -1.65 -9.23 -12.58
C ILE A 259 -2.77 -9.92 -13.36
N SER A 260 -3.90 -9.24 -13.52
CA SER A 260 -4.98 -9.74 -14.36
C SER A 260 -4.61 -9.76 -15.85
N HIS A 261 -3.90 -8.74 -16.33
CA HIS A 261 -3.41 -8.75 -17.71
C HIS A 261 -2.44 -9.91 -18.00
N TRP A 262 -1.56 -10.19 -17.04
CA TRP A 262 -0.70 -11.36 -17.12
C TRP A 262 -1.54 -12.62 -17.32
N LYS A 263 -2.51 -12.83 -16.42
CA LYS A 263 -3.40 -13.99 -16.49
C LYS A 263 -4.10 -14.04 -17.83
N GLY A 264 -4.72 -12.91 -18.19
CA GLY A 264 -5.53 -12.82 -19.41
C GLY A 264 -4.77 -13.15 -20.67
N ASN A 265 -3.45 -13.18 -20.59
CA ASN A 265 -2.61 -13.40 -21.75
C ASN A 265 -1.74 -14.67 -21.62
N MET A 266 -2.22 -15.66 -20.89
CA MET A 266 -1.44 -16.87 -20.65
C MET A 266 -1.82 -18.00 -21.59
N THR A 267 -0.90 -18.96 -21.73
CA THR A 267 -1.14 -20.19 -22.49
C THR A 267 -0.59 -21.41 -21.75
N ARG A 268 -1.23 -22.55 -21.97
CA ARG A 268 -0.84 -23.82 -21.36
C ARG A 268 0.35 -24.40 -22.09
N LEU A 269 1.47 -24.54 -21.41
CA LEU A 269 2.71 -25.07 -22.01
C LEU A 269 3.47 -25.98 -21.04
N PRO A 270 4.10 -27.04 -21.57
CA PRO A 270 4.86 -27.96 -20.72
C PRO A 270 6.17 -27.35 -20.23
N ARG A 271 6.49 -27.55 -18.95
CA ARG A 271 7.72 -27.07 -18.35
C ARG A 271 8.16 -27.97 -17.19
N LEU A 272 9.42 -27.82 -16.81
CA LEU A 272 10.00 -28.51 -15.65
C LEU A 272 10.36 -27.38 -14.68
N LEU A 273 9.49 -27.12 -13.70
CA LEU A 273 9.68 -26.01 -12.75
C LEU A 273 10.46 -26.43 -11.51
N VAL A 274 11.47 -25.63 -11.16
CA VAL A 274 12.23 -25.83 -9.94
C VAL A 274 12.01 -24.61 -9.03
N LEU A 275 11.41 -24.85 -7.86
CA LEU A 275 10.94 -23.75 -6.99
C LEU A 275 11.38 -23.97 -5.54
N PRO A 276 11.90 -22.93 -4.86
CA PRO A 276 12.27 -23.12 -3.47
C PRO A 276 11.10 -23.46 -2.53
N LYS A 277 11.43 -24.31 -1.56
CA LYS A 277 10.55 -24.66 -0.48
C LYS A 277 10.85 -23.62 0.60
N PHE A 278 9.91 -22.71 0.86
CA PHE A 278 10.10 -21.65 1.86
C PHE A 278 8.91 -21.46 2.79
N SER A 279 9.21 -20.93 3.98
CA SER A 279 8.21 -20.45 4.92
C SER A 279 8.59 -19.03 5.35
N LEU A 280 7.58 -18.19 5.55
CA LEU A 280 7.78 -16.76 5.74
C LEU A 280 6.72 -16.19 6.68
N GLU A 281 7.17 -15.44 7.68
CA GLU A 281 6.32 -14.74 8.63
C GLU A 281 6.79 -13.28 8.66
N THR A 282 5.87 -12.32 8.49
CA THR A 282 6.19 -10.89 8.56
C THR A 282 5.14 -10.16 9.43
N GLU A 283 5.60 -9.37 10.39
CA GLU A 283 4.77 -8.42 11.08
C GLU A 283 5.01 -7.05 10.46
N VAL A 284 3.95 -6.40 10.01
CA VAL A 284 4.02 -5.09 9.34
C VAL A 284 3.31 -4.05 10.20
N ASP A 285 4.02 -2.99 10.56
CA ASP A 285 3.43 -1.81 11.14
C ASP A 285 2.86 -0.95 10.01
N LEU A 286 1.54 -0.77 10.03
CA LEU A 286 0.83 -0.16 8.89
C LEU A 286 0.88 1.36 8.87
N ARG A 287 1.41 1.98 9.92
CA ARG A 287 1.40 3.42 10.06
C ARG A 287 1.97 4.16 8.86
N LYS A 288 3.24 3.93 8.55
CA LYS A 288 3.92 4.66 7.48
C LYS A 288 3.44 4.35 6.06
N PRO A 289 3.24 3.06 5.73
CA PRO A 289 2.60 2.74 4.45
C PRO A 289 1.25 3.50 4.26
N LEU A 290 0.43 3.54 5.29
CA LEU A 290 -0.88 4.22 5.16
C LEU A 290 -0.75 5.75 5.08
N GLU A 291 0.09 6.32 5.93
CA GLU A 291 0.47 7.73 5.81
C GLU A 291 0.86 8.15 4.40
N ASN A 292 1.70 7.33 3.74
CA ASN A 292 2.15 7.61 2.38
C ASN A 292 1.03 7.58 1.34
N LEU A 293 -0.02 6.83 1.62
CA LEU A 293 -1.23 6.84 0.81
C LEU A 293 -2.29 7.89 1.28
N GLY A 294 -1.91 8.80 2.17
CA GLY A 294 -2.79 9.94 2.55
C GLY A 294 -3.54 9.84 3.88
N MET A 295 -3.45 8.71 4.56
CA MET A 295 -4.16 8.51 5.81
C MET A 295 -3.32 8.97 7.00
N THR A 296 -3.16 10.28 7.09
CA THR A 296 -2.30 10.89 8.10
C THR A 296 -3.02 11.15 9.42
N ASP A 297 -4.24 11.69 9.35
CA ASP A 297 -4.96 12.14 10.56
C ASP A 297 -5.23 11.06 11.60
N MET A 298 -5.53 9.85 11.16
CA MET A 298 -6.03 8.84 12.09
C MET A 298 -5.03 8.42 13.20
N PHE A 299 -3.73 8.61 12.98
CA PHE A 299 -2.69 8.22 13.95
C PHE A 299 -2.31 9.34 14.90
N ARG A 300 -2.92 10.51 14.76
CA ARG A 300 -2.42 11.70 15.44
C ARG A 300 -3.39 12.26 16.50
N PRO A 301 -2.91 12.41 17.76
CA PRO A 301 -3.71 13.00 18.84
C PRO A 301 -4.29 14.37 18.46
N PHE A 302 -5.60 14.51 18.66
CA PHE A 302 -6.32 15.79 18.47
C PHE A 302 -6.35 16.23 17.02
N GLN A 303 -6.08 15.28 16.12
CA GLN A 303 -6.33 15.46 14.69
C GLN A 303 -7.35 14.42 14.24
N ALA A 304 -7.09 13.16 14.59
CA ALA A 304 -8.00 12.08 14.29
C ALA A 304 -9.46 12.45 14.64
N ASP A 305 -10.36 12.16 13.70
CA ASP A 305 -11.82 12.33 13.86
C ASP A 305 -12.47 10.94 13.94
N PHE A 306 -12.69 10.48 15.16
CA PHE A 306 -13.36 9.21 15.44
C PHE A 306 -14.75 9.47 16.06
N THR A 307 -15.39 10.55 15.61
CA THR A 307 -16.63 10.98 16.22
C THR A 307 -17.80 10.02 15.96
N SER A 308 -17.71 9.13 14.99
CA SER A 308 -18.72 8.07 14.84
C SER A 308 -18.68 7.00 15.93
N LEU A 309 -17.52 6.81 16.56
CA LEU A 309 -17.37 5.82 17.62
C LEU A 309 -17.61 6.48 18.96
N SER A 310 -17.13 7.71 19.13
CA SER A 310 -17.39 8.47 20.34
C SER A 310 -17.32 9.96 20.10
N ASP A 311 -18.31 10.69 20.61
CA ASP A 311 -18.25 12.15 20.62
C ASP A 311 -18.11 12.72 22.04
N GLN A 312 -17.80 11.86 23.02
CA GLN A 312 -17.50 12.31 24.38
C GLN A 312 -16.01 12.61 24.60
N GLU A 313 -15.12 11.85 23.94
CA GLU A 313 -13.67 12.03 24.12
C GLU A 313 -12.91 11.85 22.81
N PRO A 314 -11.76 12.53 22.69
CA PRO A 314 -10.93 12.37 21.51
C PRO A 314 -10.29 10.97 21.45
N LEU A 315 -9.99 10.50 20.23
CA LEU A 315 -9.32 9.21 20.03
C LEU A 315 -8.33 9.29 18.90
N HIS A 316 -7.36 8.37 18.92
CA HIS A 316 -6.47 8.14 17.79
C HIS A 316 -5.91 6.71 17.78
N VAL A 317 -5.57 6.21 16.61
CA VAL A 317 -5.02 4.83 16.50
C VAL A 317 -3.62 4.83 17.10
N ALA A 318 -3.43 4.10 18.20
CA ALA A 318 -2.11 3.98 18.83
C ALA A 318 -1.20 3.07 18.00
N LEU A 319 -1.78 2.03 17.41
CA LEU A 319 -1.00 0.95 16.80
C LEU A 319 -1.85 0.20 15.76
N ALA A 320 -1.31 0.02 14.57
CA ALA A 320 -2.03 -0.70 13.51
C ALA A 320 -1.10 -1.71 12.87
N LEU A 321 -1.42 -3.00 13.02
CA LEU A 321 -0.52 -4.11 12.64
C LEU A 321 -1.16 -5.14 11.72
N GLN A 322 -0.42 -5.56 10.69
CA GLN A 322 -0.71 -6.85 10.02
C GLN A 322 0.37 -7.91 10.34
N LYS A 323 -0.04 -9.15 10.61
CA LYS A 323 0.93 -10.23 10.68
C LYS A 323 0.47 -11.44 9.87
N VAL A 324 1.31 -11.84 8.91
CA VAL A 324 1.00 -12.95 8.02
C VAL A 324 2.09 -14.04 8.11
N LYS A 325 1.68 -15.29 7.93
CA LYS A 325 2.60 -16.42 7.78
C LYS A 325 2.10 -17.32 6.64
N ILE A 326 3.01 -17.71 5.75
CA ILE A 326 2.65 -18.58 4.62
C ILE A 326 3.64 -19.74 4.44
N GLU A 327 3.11 -20.96 4.29
CA GLU A 327 3.94 -22.14 4.01
C GLU A 327 3.79 -22.58 2.55
N VAL A 328 4.91 -22.97 1.94
CA VAL A 328 4.92 -23.48 0.57
C VAL A 328 5.75 -24.77 0.54
N ASN A 329 5.05 -25.90 0.40
CA ASN A 329 5.66 -27.23 0.40
C ASN A 329 5.16 -28.00 -0.84
N GLU A 330 5.28 -29.34 -0.83
CA GLU A 330 4.95 -30.15 -2.01
C GLU A 330 3.50 -30.61 -2.11
N SER A 331 2.83 -30.78 -0.97
CA SER A 331 1.57 -31.55 -0.88
C SER A 331 0.48 -31.16 -1.88
N GLY A 332 -0.31 -32.14 -2.31
CA GLY A 332 -1.43 -31.91 -3.25
C GLY A 332 -2.64 -32.74 -2.90
N THR A 333 -3.26 -33.37 -3.90
CA THR A 333 -4.44 -34.23 -3.67
C THR A 333 -4.50 -35.40 -4.66
N ALA A 340 -9.01 -39.46 -15.97
CA ALA A 340 -8.35 -40.71 -15.56
C ALA A 340 -6.97 -40.87 -16.22
N VAL A 341 -6.91 -40.84 -17.55
CA VAL A 341 -5.68 -41.21 -18.29
C VAL A 341 -4.67 -40.06 -18.45
N ILE A 342 -3.64 -40.05 -17.59
CA ILE A 342 -2.57 -39.05 -17.62
C ILE A 342 -1.41 -39.58 -18.47
N VAL A 343 -1.11 -38.90 -19.58
CA VAL A 343 -0.08 -39.38 -20.50
C VAL A 343 1.24 -38.65 -20.27
N SER A 344 2.33 -39.40 -20.24
CA SER A 344 3.64 -38.87 -19.88
C SER A 344 4.36 -38.25 -21.08
N ALA A 345 5.21 -37.28 -20.78
CA ALA A 345 6.01 -36.59 -21.77
C ALA A 345 6.88 -37.51 -22.60
N ARG A 346 6.81 -37.33 -23.91
CA ARG A 346 7.62 -38.08 -24.85
C ARG A 346 8.93 -37.35 -24.98
N MET A 347 8.84 -36.03 -25.14
CA MET A 347 9.98 -35.15 -25.25
C MET A 347 10.29 -34.53 -23.89
N ALA A 348 11.47 -33.94 -23.79
CA ALA A 348 11.88 -33.33 -22.56
C ALA A 348 11.43 -31.90 -22.55
N PRO A 349 10.73 -31.52 -21.49
CA PRO A 349 10.19 -30.16 -21.37
C PRO A 349 11.31 -29.12 -21.13
N GLU A 350 11.02 -27.87 -21.48
CA GLU A 350 11.96 -26.76 -21.24
C GLU A 350 11.94 -26.40 -19.76
N GLU A 351 13.05 -25.86 -19.25
CA GLU A 351 13.21 -25.60 -17.81
C GLU A 351 13.02 -24.14 -17.39
N ILE A 352 12.49 -23.95 -16.17
CA ILE A 352 12.44 -22.66 -15.49
C ILE A 352 12.91 -22.85 -14.06
N ILE A 353 14.04 -22.25 -13.71
CA ILE A 353 14.63 -22.39 -12.39
C ILE A 353 14.51 -21.08 -11.64
N ILE A 354 13.82 -21.12 -10.51
CA ILE A 354 13.60 -19.92 -9.71
C ILE A 354 14.67 -19.90 -8.62
N ASP A 355 15.89 -19.55 -9.01
CA ASP A 355 17.01 -19.47 -8.06
C ASP A 355 17.56 -18.06 -7.97
N ARG A 356 16.62 -17.12 -7.81
CA ARG A 356 16.88 -15.68 -7.67
C ARG A 356 15.66 -15.01 -7.03
N PRO A 357 15.82 -13.82 -6.42
CA PRO A 357 14.64 -13.21 -5.78
C PRO A 357 13.43 -13.14 -6.70
N PHE A 358 12.26 -13.47 -6.18
CA PHE A 358 11.06 -13.52 -7.00
C PHE A 358 9.81 -13.06 -6.25
N LEU A 359 8.79 -12.67 -7.03
CA LEU A 359 7.50 -12.23 -6.50
C LEU A 359 6.51 -13.37 -6.61
N PHE A 360 5.61 -13.46 -5.65
CA PHE A 360 4.48 -14.39 -5.72
C PHE A 360 3.18 -13.68 -5.34
N VAL A 361 2.10 -14.08 -6.00
CA VAL A 361 0.78 -13.54 -5.71
C VAL A 361 -0.17 -14.73 -5.54
N VAL A 362 -1.02 -14.71 -4.51
CA VAL A 362 -2.10 -15.68 -4.40
C VAL A 362 -3.41 -14.99 -4.76
N ARG A 363 -4.12 -15.56 -5.74
CA ARG A 363 -5.22 -14.87 -6.40
C ARG A 363 -6.44 -15.78 -6.56
N HIS A 364 -7.59 -15.28 -6.06
CA HIS A 364 -8.89 -15.90 -6.29
C HIS A 364 -9.34 -15.52 -7.70
N ASN A 365 -9.22 -16.44 -8.65
CA ASN A 365 -9.36 -16.10 -10.07
C ASN A 365 -10.76 -15.56 -10.44
N PRO A 366 -11.84 -16.21 -9.91
CA PRO A 366 -13.20 -15.74 -10.22
C PRO A 366 -13.47 -14.27 -9.85
N THR A 367 -13.21 -13.89 -8.60
CA THR A 367 -13.39 -12.49 -8.16
C THR A 367 -12.26 -11.54 -8.58
N GLY A 368 -11.04 -12.06 -8.62
CA GLY A 368 -9.83 -11.25 -8.83
C GLY A 368 -9.13 -10.82 -7.54
N THR A 369 -9.64 -11.28 -6.39
CA THR A 369 -9.10 -10.87 -5.10
C THR A 369 -7.64 -11.33 -4.95
N VAL A 370 -6.79 -10.42 -4.47
CA VAL A 370 -5.42 -10.76 -4.16
C VAL A 370 -5.37 -11.05 -2.66
N LEU A 371 -5.35 -12.33 -2.32
CA LEU A 371 -5.27 -12.78 -0.93
C LEU A 371 -3.89 -12.57 -0.33
N PHE A 372 -2.84 -12.87 -1.08
CA PHE A 372 -1.47 -12.76 -0.59
C PHE A 372 -0.53 -12.28 -1.67
N MET A 373 0.51 -11.60 -1.22
CA MET A 373 1.49 -11.01 -2.09
C MET A 373 2.80 -10.99 -1.33
N GLY A 374 3.90 -11.27 -2.02
CA GLY A 374 5.19 -11.19 -1.35
C GLY A 374 6.40 -11.26 -2.22
N GLN A 375 7.54 -10.93 -1.61
CA GLN A 375 8.85 -11.00 -2.22
C GLN A 375 9.78 -11.89 -1.40
N VAL A 376 10.49 -12.78 -2.10
CA VAL A 376 11.40 -13.73 -1.46
C VAL A 376 12.82 -13.43 -1.88
N MET A 377 13.56 -12.69 -1.04
CA MET A 377 14.93 -12.27 -1.32
C MET A 377 15.96 -13.33 -0.91
N GLU A 378 15.54 -14.20 0.01
CA GLU A 378 16.32 -15.37 0.40
C GLU A 378 15.34 -16.39 0.96
N PRO A 379 15.10 -17.50 0.23
CA PRO A 379 14.12 -18.47 0.69
C PRO A 379 14.65 -19.24 1.89
N GLN B 1 14.50 -10.42 -43.40
CA GLN B 1 13.27 -10.95 -42.84
C GLN B 1 12.68 -10.03 -41.80
N VAL B 2 13.52 -9.51 -40.91
CA VAL B 2 13.05 -8.60 -39.88
C VAL B 2 12.82 -7.26 -40.50
N GLN B 3 11.69 -6.64 -40.18
CA GLN B 3 11.39 -5.33 -40.77
C GLN B 3 10.54 -4.42 -39.90
N LEU B 4 11.01 -3.18 -39.75
CA LEU B 4 10.32 -2.16 -38.99
C LEU B 4 10.13 -0.96 -39.92
N VAL B 5 8.92 -0.80 -40.43
CA VAL B 5 8.60 0.27 -41.39
C VAL B 5 7.70 1.33 -40.71
N GLU B 6 8.28 2.50 -40.46
CA GLU B 6 7.57 3.62 -39.86
C GLU B 6 6.81 4.44 -40.92
N SER B 7 5.73 5.08 -40.48
CA SER B 7 4.99 6.01 -41.33
C SER B 7 4.16 6.96 -40.47
N GLY B 8 3.52 7.93 -41.13
CA GLY B 8 2.69 8.93 -40.45
C GLY B 8 3.29 10.32 -40.32
N GLY B 9 4.61 10.44 -40.47
CA GLY B 9 5.27 11.72 -40.29
C GLY B 9 4.84 12.78 -41.29
N GLY B 10 5.50 13.93 -41.26
CA GLY B 10 5.27 14.98 -42.26
C GLY B 10 5.42 16.38 -41.71
N LEU B 11 5.11 17.35 -42.56
CA LEU B 11 5.10 18.77 -42.19
C LEU B 11 3.77 19.11 -41.56
N VAL B 12 3.81 19.77 -40.41
CA VAL B 12 2.61 20.33 -39.78
C VAL B 12 2.86 21.71 -39.16
N GLN B 13 1.76 22.35 -38.78
CA GLN B 13 1.81 23.69 -38.22
C GLN B 13 2.03 23.63 -36.70
N PRO B 14 2.66 24.66 -36.10
CA PRO B 14 2.80 24.67 -34.64
C PRO B 14 1.42 24.61 -33.95
N GLY B 15 1.23 23.65 -33.06
CA GLY B 15 -0.07 23.44 -32.41
C GLY B 15 -0.86 22.30 -33.02
N GLY B 16 -0.31 21.68 -34.05
CA GLY B 16 -1.00 20.63 -34.78
C GLY B 16 -0.72 19.28 -34.19
N ARG B 17 -1.36 18.26 -34.75
CA ARG B 17 -1.17 16.90 -34.31
C ARG B 17 -0.73 15.97 -35.47
N LEU B 18 -0.21 14.80 -35.10
CA LEU B 18 0.19 13.75 -36.05
C LEU B 18 0.00 12.39 -35.40
N ARG B 19 -0.08 11.35 -36.22
CA ARG B 19 -0.09 9.98 -35.73
C ARG B 19 0.94 9.06 -36.43
N LEU B 20 2.01 8.73 -35.72
CA LEU B 20 3.01 7.82 -36.27
C LEU B 20 2.54 6.38 -36.15
N SER B 21 3.08 5.53 -37.01
CA SER B 21 2.72 4.12 -37.04
C SER B 21 3.91 3.30 -37.56
N CYS B 22 4.17 2.14 -36.96
CA CYS B 22 5.24 1.26 -37.44
C CYS B 22 4.73 -0.14 -37.64
N ALA B 23 4.85 -0.65 -38.86
CA ALA B 23 4.47 -2.03 -39.17
C ALA B 23 5.68 -2.95 -38.91
N ALA B 24 5.46 -4.03 -38.17
CA ALA B 24 6.56 -4.95 -37.80
C ALA B 24 6.36 -6.36 -38.34
N SER B 25 7.45 -6.99 -38.75
CA SER B 25 7.42 -8.40 -39.20
C SER B 25 8.77 -9.08 -39.01
N GLY B 26 8.73 -10.41 -38.90
CA GLY B 26 9.93 -11.24 -38.88
C GLY B 26 10.49 -11.60 -37.52
N PHE B 27 9.71 -11.35 -36.47
CA PHE B 27 10.13 -11.69 -35.10
C PHE B 27 8.90 -11.72 -34.19
N THR B 28 9.02 -12.35 -33.03
CA THR B 28 7.88 -12.55 -32.13
C THR B 28 7.44 -11.24 -31.46
N PHE B 29 6.81 -10.36 -32.24
CA PHE B 29 6.33 -9.04 -31.79
C PHE B 29 5.79 -9.01 -30.36
N ARG B 30 4.84 -9.89 -30.07
CA ARG B 30 4.16 -9.92 -28.77
C ARG B 30 5.03 -10.21 -27.53
N THR B 31 6.32 -10.51 -27.71
CA THR B 31 7.21 -10.66 -26.56
C THR B 31 8.25 -9.54 -26.46
N TYR B 32 8.21 -8.60 -27.40
CA TYR B 32 9.20 -7.50 -27.46
C TYR B 32 8.62 -6.18 -26.91
N ALA B 33 9.43 -5.43 -26.17
CA ALA B 33 9.09 -4.05 -25.84
C ALA B 33 9.21 -3.25 -27.13
N MET B 34 8.31 -2.27 -27.32
CA MET B 34 8.37 -1.36 -28.48
C MET B 34 8.61 0.06 -28.01
N GLN B 35 9.48 0.80 -28.72
CA GLN B 35 9.91 2.14 -28.29
C GLN B 35 9.91 3.14 -29.46
N TRP B 36 9.88 4.43 -29.15
CA TRP B 36 10.12 5.48 -30.16
C TRP B 36 11.27 6.35 -29.70
N TYR B 37 12.15 6.67 -30.64
CA TYR B 37 13.29 7.58 -30.40
C TYR B 37 13.18 8.70 -31.40
N ARG B 38 13.94 9.77 -31.18
CA ARG B 38 14.05 10.85 -32.18
C ARG B 38 15.49 11.34 -32.29
N GLN B 39 15.83 11.90 -33.45
CA GLN B 39 17.17 12.44 -33.71
C GLN B 39 17.10 13.46 -34.85
N SER B 40 17.90 14.51 -34.75
CA SER B 40 18.01 15.52 -35.79
C SER B 40 19.50 15.84 -35.91
N PRO B 41 19.93 16.45 -37.02
CA PRO B 41 21.35 16.73 -37.20
C PRO B 41 22.00 17.41 -35.99
N GLY B 42 23.15 16.91 -35.58
CA GLY B 42 23.84 17.43 -34.41
C GLY B 42 23.50 16.74 -33.09
N THR B 43 22.33 16.12 -32.98
CA THR B 43 21.87 15.55 -31.71
C THR B 43 22.07 14.04 -31.60
N GLU B 44 22.12 13.55 -30.37
CA GLU B 44 22.09 12.13 -30.09
C GLU B 44 20.66 11.60 -30.26
N ARG B 45 20.56 10.29 -30.35
CA ARG B 45 19.27 9.64 -30.45
C ARG B 45 18.67 9.55 -29.03
N GLU B 46 17.43 9.99 -28.87
CA GLU B 46 16.81 10.15 -27.55
C GLU B 46 15.46 9.46 -27.42
N LEU B 47 15.24 8.84 -26.26
CA LEU B 47 14.04 8.08 -25.98
C LEU B 47 12.83 8.99 -25.81
N VAL B 48 11.78 8.72 -26.58
CA VAL B 48 10.56 9.52 -26.57
C VAL B 48 9.46 8.75 -25.82
N ALA B 49 9.25 7.49 -26.20
CA ALA B 49 8.21 6.63 -25.62
C ALA B 49 8.60 5.16 -25.63
N ALA B 50 8.05 4.39 -24.68
CA ALA B 50 8.26 2.94 -24.63
C ALA B 50 7.10 2.28 -23.94
N ILE B 51 6.78 1.05 -24.38
CA ILE B 51 5.68 0.28 -23.86
C ILE B 51 6.05 -1.18 -23.68
N SER B 52 5.45 -1.81 -22.69
CA SER B 52 5.62 -3.25 -22.45
C SER B 52 4.87 -4.06 -23.51
N ASN B 53 5.11 -5.38 -23.55
CA ASN B 53 4.41 -6.24 -24.51
C ASN B 53 2.92 -6.39 -24.14
N ILE B 54 2.64 -6.56 -22.85
CA ILE B 54 1.27 -6.59 -22.32
C ILE B 54 1.16 -5.72 -21.07
N GLY B 55 -0.07 -5.45 -20.66
CA GLY B 55 -0.36 -4.71 -19.45
C GLY B 55 -0.29 -3.20 -19.55
N GLY B 56 0.00 -2.66 -20.73
CA GLY B 56 0.09 -1.21 -20.96
C GLY B 56 1.01 -0.42 -20.02
N VAL B 57 2.17 -0.97 -19.65
CA VAL B 57 3.14 -0.24 -18.84
C VAL B 57 3.98 0.61 -19.78
N THR B 58 3.96 1.93 -19.57
CA THR B 58 4.62 2.90 -20.45
C THR B 58 5.71 3.71 -19.72
N ASP B 59 6.28 4.67 -20.45
CA ASP B 59 7.52 5.34 -20.10
C ASP B 59 7.75 6.43 -21.15
N TYR B 60 8.01 7.66 -20.73
CA TYR B 60 8.16 8.78 -21.69
C TYR B 60 9.41 9.59 -21.41
N GLY B 61 9.97 10.23 -22.44
CA GLY B 61 11.08 11.17 -22.26
C GLY B 61 10.59 12.47 -21.62
N ASP B 62 11.46 13.08 -20.84
CA ASP B 62 11.14 14.27 -20.09
C ASP B 62 10.55 15.39 -20.89
N SER B 63 10.93 15.47 -22.15
CA SER B 63 10.45 16.50 -23.03
C SER B 63 9.05 16.28 -23.59
N VAL B 64 8.45 15.14 -23.35
CA VAL B 64 7.14 14.86 -23.89
C VAL B 64 6.06 15.63 -23.19
N LYS B 65 6.07 15.55 -21.87
CA LYS B 65 5.18 16.31 -20.97
C LYS B 65 3.68 16.05 -21.19
N GLY B 66 3.33 14.77 -21.36
CA GLY B 66 1.94 14.37 -21.48
C GLY B 66 1.31 14.65 -22.83
N ARG B 67 2.10 15.07 -23.82
CA ARG B 67 1.61 15.41 -25.17
C ARG B 67 1.54 14.21 -26.15
N PHE B 68 2.40 13.22 -25.94
CA PHE B 68 2.49 12.08 -26.87
C PHE B 68 2.00 10.83 -26.15
N THR B 69 1.28 9.98 -26.87
CA THR B 69 0.74 8.73 -26.32
C THR B 69 1.12 7.51 -27.18
N ILE B 70 1.80 6.54 -26.55
CA ILE B 70 2.24 5.32 -27.24
C ILE B 70 1.27 4.17 -26.96
N SER B 71 0.94 3.42 -28.01
CA SER B 71 0.08 2.26 -27.89
C SER B 71 0.53 1.19 -28.88
N ARG B 72 -0.04 -0.01 -28.79
CA ARG B 72 0.33 -1.11 -29.66
C ARG B 72 -0.84 -2.05 -29.88
N ASP B 73 -0.79 -2.77 -31.01
CA ASP B 73 -1.77 -3.79 -31.38
C ASP B 73 -1.04 -5.09 -31.73
N ASN B 74 -0.95 -6.00 -30.77
CA ASN B 74 -0.18 -7.24 -30.93
C ASN B 74 -0.69 -8.14 -32.07
N ALA B 75 -2.00 -8.20 -32.27
CA ALA B 75 -2.58 -9.01 -33.34
C ALA B 75 -2.25 -8.47 -34.74
N LYS B 76 -2.07 -7.16 -34.86
CA LYS B 76 -1.73 -6.52 -36.14
C LYS B 76 -0.27 -6.13 -36.21
N THR B 77 0.51 -6.59 -35.23
CA THR B 77 1.95 -6.32 -35.14
C THR B 77 2.33 -4.88 -35.52
N THR B 78 1.72 -3.91 -34.81
CA THR B 78 1.90 -2.49 -35.10
C THR B 78 2.07 -1.70 -33.81
N VAL B 79 2.87 -0.63 -33.87
CA VAL B 79 3.02 0.28 -32.75
C VAL B 79 2.72 1.68 -33.25
N TYR B 80 2.21 2.53 -32.34
CA TYR B 80 1.71 3.86 -32.69
C TYR B 80 2.22 4.96 -31.76
N LEU B 81 2.29 6.17 -32.28
CA LEU B 81 2.57 7.36 -31.48
C LEU B 81 1.62 8.51 -31.88
N GLU B 82 0.67 8.82 -30.99
CA GLU B 82 -0.22 9.98 -31.17
C GLU B 82 0.47 11.21 -30.61
N MET B 83 0.81 12.14 -31.50
CA MET B 83 1.54 13.35 -31.14
C MET B 83 0.58 14.54 -31.18
N ASN B 84 0.46 15.25 -30.05
CA ASN B 84 -0.40 16.44 -29.91
C ASN B 84 0.40 17.66 -29.46
N SER B 85 -0.14 18.86 -29.74
CA SER B 85 0.47 20.14 -29.33
C SER B 85 1.93 20.23 -29.75
N LEU B 86 2.16 20.01 -31.04
CA LEU B 86 3.49 19.98 -31.61
C LEU B 86 4.08 21.40 -31.67
N LYS B 87 5.40 21.48 -31.51
CA LYS B 87 6.16 22.71 -31.60
C LYS B 87 7.45 22.50 -32.42
N PRO B 88 8.13 23.60 -32.84
CA PRO B 88 9.37 23.51 -33.63
C PRO B 88 10.44 22.56 -33.06
N GLU B 89 10.54 22.50 -31.74
CA GLU B 89 11.59 21.74 -31.05
C GLU B 89 11.42 20.21 -31.19
N ASP B 90 10.25 19.76 -31.61
CA ASP B 90 9.96 18.34 -31.86
C ASP B 90 10.36 17.87 -33.26
N THR B 91 10.87 18.78 -34.06
CA THR B 91 11.29 18.48 -35.41
C THR B 91 12.50 17.55 -35.36
N ALA B 92 12.37 16.39 -36.00
CA ALA B 92 13.38 15.34 -35.96
C ALA B 92 12.92 14.16 -36.79
N THR B 93 13.85 13.25 -37.07
CA THR B 93 13.49 11.96 -37.61
C THR B 93 13.05 11.09 -36.43
N TYR B 94 11.91 10.42 -36.55
CA TYR B 94 11.39 9.56 -35.49
C TYR B 94 11.55 8.09 -35.86
N TYR B 95 12.23 7.33 -34.98
CA TYR B 95 12.55 5.93 -35.23
C TYR B 95 11.83 5.03 -34.24
N CYS B 96 11.33 3.89 -34.73
CA CYS B 96 10.76 2.86 -33.88
C CYS B 96 11.83 1.78 -33.61
N SER B 97 11.86 1.25 -32.39
CA SER B 97 12.77 0.17 -32.04
C SER B 97 12.05 -0.93 -31.27
N ALA B 98 12.42 -2.18 -31.55
CA ALA B 98 11.84 -3.33 -30.88
C ALA B 98 12.94 -4.01 -30.09
N VAL B 99 12.70 -4.28 -28.82
CA VAL B 99 13.74 -4.79 -27.95
C VAL B 99 13.22 -5.84 -26.97
N ARG B 100 13.98 -6.93 -26.88
CA ARG B 100 13.85 -7.95 -25.86
C ARG B 100 15.29 -8.39 -25.56
N LEU B 101 15.87 -7.86 -24.48
CA LEU B 101 17.34 -7.87 -24.32
C LEU B 101 17.89 -9.29 -24.27
N PRO B 102 19.02 -9.55 -24.92
CA PRO B 102 19.91 -8.54 -25.52
C PRO B 102 19.58 -8.10 -26.95
N GLN B 103 18.55 -8.68 -27.58
CA GLN B 103 18.20 -8.37 -28.98
C GLN B 103 17.48 -7.02 -29.20
N ARG B 104 18.01 -6.22 -30.13
CA ARG B 104 17.35 -4.99 -30.52
C ARG B 104 17.23 -4.90 -32.03
N TYR B 105 16.19 -4.18 -32.48
CA TYR B 105 15.98 -3.88 -33.91
C TYR B 105 15.57 -2.41 -34.12
N TRP B 106 15.91 -1.87 -35.28
CA TRP B 106 15.67 -0.47 -35.63
C TRP B 106 14.99 -0.38 -36.97
N GLY B 107 14.09 0.59 -37.11
CA GLY B 107 13.52 0.93 -38.41
C GLY B 107 14.37 2.01 -39.03
N ARG B 108 13.91 2.53 -40.16
CA ARG B 108 14.66 3.54 -40.91
C ARG B 108 14.22 4.98 -40.60
N GLY B 109 13.09 5.13 -39.92
CA GLY B 109 12.61 6.43 -39.41
C GLY B 109 11.61 7.13 -40.32
N THR B 110 10.83 8.07 -39.77
CA THR B 110 9.98 8.95 -40.56
C THR B 110 10.22 10.39 -40.10
N GLN B 111 10.29 11.32 -41.05
CA GLN B 111 10.60 12.72 -40.74
C GLN B 111 9.36 13.46 -40.25
N VAL B 112 9.47 14.08 -39.08
CA VAL B 112 8.47 15.03 -38.56
C VAL B 112 9.07 16.44 -38.66
N THR B 113 8.36 17.37 -39.29
CA THR B 113 8.81 18.76 -39.40
C THR B 113 7.71 19.70 -38.89
N VAL B 114 8.06 20.64 -38.01
CA VAL B 114 7.08 21.57 -37.45
C VAL B 114 7.45 23.04 -37.65
N SER B 115 6.77 23.68 -38.59
CA SER B 115 6.61 25.14 -38.66
C SER B 115 5.92 25.51 -39.96
N GLN C 1 -13.55 38.90 12.41
CA GLN C 1 -13.52 39.52 13.78
C GLN C 1 -13.00 38.52 14.81
N VAL C 2 -13.18 37.23 14.53
CA VAL C 2 -12.68 36.20 15.44
C VAL C 2 -11.19 36.06 15.31
N GLN C 3 -10.50 36.31 16.39
CA GLN C 3 -9.07 36.23 16.41
C GLN C 3 -8.58 35.59 17.69
N LEU C 4 -7.62 34.70 17.54
CA LEU C 4 -7.02 34.04 18.66
C LEU C 4 -5.62 34.58 18.73
N VAL C 5 -5.20 34.97 19.92
CA VAL C 5 -3.86 35.53 20.09
C VAL C 5 -3.15 35.00 21.33
N GLU C 6 -2.02 34.34 21.11
CA GLU C 6 -1.24 33.80 22.21
C GLU C 6 -0.19 34.74 22.84
N SER C 7 0.14 34.47 24.10
CA SER C 7 1.21 35.21 24.78
C SER C 7 1.84 34.36 25.87
N GLY C 8 3.09 34.68 26.23
CA GLY C 8 3.82 33.94 27.26
C GLY C 8 5.10 33.27 26.80
N GLY C 9 5.41 33.39 25.51
CA GLY C 9 6.66 32.87 24.98
C GLY C 9 7.90 33.53 25.58
N GLY C 10 9.03 32.83 25.51
CA GLY C 10 10.31 33.34 26.02
C GLY C 10 11.32 32.23 26.32
N LEU C 11 12.46 32.62 26.88
CA LEU C 11 13.54 31.69 27.23
C LEU C 11 13.34 31.10 28.62
N VAL C 12 13.64 29.81 28.79
CA VAL C 12 13.55 29.14 30.09
C VAL C 12 14.63 28.05 30.24
N GLN C 13 15.24 27.98 31.42
CA GLN C 13 16.20 26.95 31.77
C GLN C 13 15.53 25.58 31.80
N ALA C 14 16.31 24.51 31.66
CA ALA C 14 15.78 23.15 31.78
C ALA C 14 15.40 22.85 33.22
N GLY C 15 14.15 22.42 33.43
CA GLY C 15 13.59 22.27 34.76
C GLY C 15 12.64 23.42 35.12
N GLY C 16 12.75 24.54 34.42
CA GLY C 16 11.92 25.71 34.68
C GLY C 16 10.49 25.55 34.23
N SER C 17 9.66 26.52 34.60
CA SER C 17 8.24 26.54 34.26
C SER C 17 7.92 27.72 33.35
N LEU C 18 6.82 27.61 32.61
CA LEU C 18 6.36 28.68 31.71
C LEU C 18 4.86 28.54 31.47
N ARG C 19 4.18 29.68 31.45
CA ARG C 19 2.73 29.72 31.24
C ARG C 19 2.44 30.39 29.90
N LEU C 20 1.60 29.76 29.10
CA LEU C 20 1.12 30.37 27.86
C LEU C 20 -0.36 30.71 28.01
N SER C 21 -0.79 31.71 27.24
CA SER C 21 -2.16 32.22 27.29
C SER C 21 -2.70 32.39 25.87
N CYS C 22 -4.02 32.35 25.72
CA CYS C 22 -4.66 32.62 24.44
C CYS C 22 -6.02 33.28 24.64
N ALA C 23 -6.07 34.59 24.38
CA ALA C 23 -7.33 35.33 24.50
C ALA C 23 -8.16 35.18 23.23
N ALA C 24 -9.48 35.04 23.38
CA ALA C 24 -10.37 34.93 22.22
C ALA C 24 -11.29 36.14 22.14
N SER C 25 -11.25 36.86 21.03
CA SER C 25 -12.20 37.92 20.77
C SER C 25 -13.24 37.42 19.78
N GLY C 26 -14.44 37.95 19.88
CA GLY C 26 -15.51 37.62 18.96
C GLY C 26 -16.15 36.25 19.13
N PHE C 27 -15.94 35.58 20.26
CA PHE C 27 -16.66 34.34 20.59
C PHE C 27 -16.28 33.86 21.98
N THR C 28 -16.94 32.80 22.47
CA THR C 28 -16.65 32.26 23.80
C THR C 28 -16.21 30.80 23.73
N PHE C 29 -15.09 30.51 24.38
CA PHE C 29 -14.42 29.19 24.33
C PHE C 29 -15.26 28.02 24.87
N ASP C 30 -16.26 28.32 25.68
CA ASP C 30 -17.00 27.29 26.40
C ASP C 30 -17.98 26.49 25.50
N ASP C 31 -18.14 26.92 24.24
CA ASP C 31 -18.88 26.15 23.23
C ASP C 31 -17.94 25.33 22.33
N TYR C 32 -16.72 25.82 22.15
CA TYR C 32 -15.74 25.23 21.23
C TYR C 32 -14.78 24.25 21.95
N SER C 33 -14.34 23.21 21.26
CA SER C 33 -13.24 22.40 21.80
C SER C 33 -11.95 23.16 21.54
N ILE C 34 -11.05 23.19 22.52
CA ILE C 34 -9.80 23.97 22.44
C ILE C 34 -8.56 23.09 22.53
N ALA C 35 -7.57 23.36 21.70
CA ALA C 35 -6.34 22.53 21.67
C ALA C 35 -5.08 23.36 21.46
N TRP C 36 -3.99 22.97 22.12
CA TRP C 36 -2.67 23.55 21.86
C TRP C 36 -1.81 22.58 21.04
N PHE C 37 -1.23 23.09 19.96
CA PHE C 37 -0.31 22.32 19.12
C PHE C 37 1.09 22.92 19.20
N ARG C 38 2.07 22.27 18.58
CA ARG C 38 3.44 22.79 18.54
C ARG C 38 4.24 22.23 17.38
N GLN C 39 5.19 23.02 16.88
CA GLN C 39 6.12 22.58 15.84
C GLN C 39 7.56 22.87 16.24
N ALA C 40 8.37 21.82 16.30
CA ALA C 40 9.78 21.95 16.67
C ALA C 40 10.64 21.93 15.42
N PRO C 41 11.93 22.28 15.55
CA PRO C 41 12.76 22.26 14.36
C PRO C 41 12.77 20.89 13.71
N GLY C 42 12.65 20.85 12.39
CA GLY C 42 12.76 19.61 11.66
C GLY C 42 11.58 18.68 11.81
N LYS C 43 10.45 19.19 12.32
CA LYS C 43 9.30 18.36 12.66
C LYS C 43 7.97 18.96 12.20
N GLU C 44 6.98 18.09 12.14
CA GLU C 44 5.65 18.49 11.81
C GLU C 44 4.90 18.89 13.08
N ARG C 45 3.88 19.72 12.89
CA ARG C 45 3.07 20.22 13.98
C ARG C 45 2.35 19.05 14.63
N GLU C 46 2.28 19.02 15.95
CA GLU C 46 1.73 17.89 16.69
C GLU C 46 0.83 18.36 17.82
N GLY C 47 -0.22 17.60 18.13
CA GLY C 47 -1.12 17.96 19.22
C GLY C 47 -0.43 17.78 20.56
N VAL C 48 -0.73 18.67 21.52
CA VAL C 48 -0.15 18.62 22.88
C VAL C 48 -1.22 18.50 23.98
N SER C 49 -2.25 19.35 23.91
CA SER C 49 -3.33 19.37 24.91
C SER C 49 -4.68 19.63 24.26
N CYS C 50 -5.74 19.19 24.94
CA CYS C 50 -7.10 19.36 24.43
C CYS C 50 -8.09 19.55 25.58
N ILE C 51 -9.03 20.48 25.43
CA ILE C 51 -10.26 20.55 26.24
C ILE C 51 -11.46 20.23 25.36
N SER C 52 -12.21 19.18 25.70
CA SER C 52 -13.40 18.80 24.95
C SER C 52 -14.62 19.57 25.46
N SER C 53 -15.38 20.19 24.54
CA SER C 53 -16.56 20.94 24.93
C SER C 53 -17.62 20.01 25.47
N SER C 54 -17.61 18.75 25.02
CA SER C 54 -18.54 17.73 25.49
C SER C 54 -18.78 17.81 26.98
N ASP C 55 -17.71 17.88 27.77
CA ASP C 55 -17.87 17.88 29.24
C ASP C 55 -16.80 18.62 30.03
N GLY C 56 -16.01 19.45 29.36
CA GLY C 56 -14.91 20.14 30.04
C GLY C 56 -13.61 19.36 30.19
N SER C 57 -13.61 18.03 30.01
CA SER C 57 -12.43 17.21 30.32
C SER C 57 -11.16 17.63 29.55
N ALA C 58 -10.00 17.51 30.20
CA ALA C 58 -8.70 17.83 29.59
C ALA C 58 -7.95 16.56 29.16
N TYR C 59 -7.23 16.65 28.04
CA TYR C 59 -6.43 15.52 27.53
C TYR C 59 -5.02 15.96 27.08
N TYR C 60 -4.10 15.00 27.07
CA TYR C 60 -2.69 15.29 26.76
C TYR C 60 -2.07 14.25 25.83
N ALA C 61 -1.03 14.67 25.11
CA ALA C 61 -0.25 13.75 24.29
C ALA C 61 0.72 12.96 25.16
N ASP C 62 1.08 11.77 24.71
CA ASP C 62 1.91 10.84 25.51
C ASP C 62 3.18 11.50 26.04
N SER C 63 3.80 12.37 25.24
CA SER C 63 5.05 13.07 25.61
C SER C 63 4.91 14.02 26.79
N VAL C 64 3.69 14.24 27.27
CA VAL C 64 3.46 15.09 28.42
C VAL C 64 3.77 14.32 29.71
N LYS C 65 3.15 13.16 29.85
CA LYS C 65 3.30 12.30 31.03
C LYS C 65 3.02 13.09 32.32
N GLY C 66 1.88 13.78 32.32
CA GLY C 66 1.39 14.53 33.48
C GLY C 66 2.11 15.81 33.87
N ARG C 67 2.97 16.34 33.00
CA ARG C 67 3.73 17.56 33.31
C ARG C 67 3.00 18.88 32.98
N PHE C 68 1.95 18.83 32.16
CA PHE C 68 1.31 20.04 31.59
C PHE C 68 -0.17 20.17 31.98
N THR C 69 -0.61 21.40 32.24
CA THR C 69 -2.02 21.68 32.59
C THR C 69 -2.69 22.68 31.62
N ILE C 70 -3.71 22.21 30.91
CA ILE C 70 -4.53 23.07 30.07
C ILE C 70 -5.79 23.51 30.85
N SER C 71 -6.09 24.80 30.82
CA SER C 71 -7.24 25.31 31.56
C SER C 71 -7.98 26.40 30.80
N SER C 72 -9.25 26.60 31.19
CA SER C 72 -10.13 27.56 30.55
C SER C 72 -10.73 28.45 31.63
N ASP C 73 -10.47 29.75 31.54
CA ASP C 73 -11.02 30.71 32.51
C ASP C 73 -12.24 31.39 31.89
N ASN C 74 -13.42 30.92 32.26
CA ASN C 74 -14.65 31.44 31.70
C ASN C 74 -14.77 32.98 31.77
N ALA C 75 -14.42 33.58 32.90
CA ALA C 75 -14.51 35.04 33.06
C ALA C 75 -13.58 35.80 32.11
N LYS C 76 -12.36 35.29 31.91
CA LYS C 76 -11.37 35.99 31.07
C LYS C 76 -11.39 35.59 29.59
N ASN C 77 -12.23 34.61 29.25
CA ASN C 77 -12.27 34.05 27.90
C ASN C 77 -10.85 33.76 27.40
N THR C 78 -10.05 33.23 28.30
CA THR C 78 -8.66 32.98 28.04
C THR C 78 -8.42 31.49 28.27
N VAL C 79 -7.56 30.90 27.43
CA VAL C 79 -7.08 29.53 27.56
C VAL C 79 -5.67 29.61 28.09
N TYR C 80 -5.30 28.69 28.97
CA TYR C 80 -3.95 28.64 29.50
C TYR C 80 -3.32 27.29 29.25
N LEU C 81 -2.00 27.29 29.09
CA LEU C 81 -1.20 26.06 29.18
C LEU C 81 -0.05 26.28 30.19
N GLN C 82 -0.13 25.61 31.34
CA GLN C 82 0.93 25.67 32.34
C GLN C 82 1.91 24.53 32.10
N MET C 83 3.18 24.86 31.89
CA MET C 83 4.24 23.88 31.53
C MET C 83 5.29 23.69 32.65
N ASN C 84 5.31 22.50 33.25
CA ASN C 84 6.22 22.14 34.37
C ASN C 84 7.36 21.23 33.88
N SER C 85 8.50 21.31 34.55
CA SER C 85 9.65 20.43 34.29
C SER C 85 9.98 20.39 32.79
N LEU C 86 10.28 21.56 32.23
CA LEU C 86 10.58 21.67 30.80
C LEU C 86 11.90 21.00 30.43
N LYS C 87 12.02 20.64 29.16
CA LYS C 87 13.16 19.91 28.64
C LYS C 87 13.61 20.54 27.34
N PRO C 88 14.88 20.28 26.93
CA PRO C 88 15.37 20.65 25.61
C PRO C 88 14.41 20.22 24.50
N GLU C 89 13.89 19.01 24.66
CA GLU C 89 12.91 18.42 23.74
C GLU C 89 11.55 19.18 23.69
N ASP C 90 11.26 20.03 24.67
CA ASP C 90 10.01 20.81 24.67
C ASP C 90 10.08 22.12 23.87
N THR C 91 11.23 22.40 23.26
CA THR C 91 11.42 23.59 22.42
C THR C 91 10.63 23.51 21.11
N ALA C 92 9.90 24.58 20.80
CA ALA C 92 9.06 24.63 19.60
C ALA C 92 8.28 25.93 19.55
N VAL C 93 7.59 26.14 18.43
CA VAL C 93 6.55 27.17 18.34
C VAL C 93 5.19 26.56 18.74
N TYR C 94 4.48 27.23 19.66
CA TYR C 94 3.21 26.72 20.19
C TYR C 94 2.01 27.51 19.64
N TYR C 95 0.98 26.80 19.21
CA TYR C 95 -0.20 27.40 18.58
C TYR C 95 -1.46 26.96 19.30
N CYS C 96 -2.43 27.86 19.41
CA CYS C 96 -3.74 27.53 19.99
C CYS C 96 -4.76 27.37 18.87
N ALA C 97 -5.74 26.48 19.08
CA ALA C 97 -6.80 26.25 18.09
C ALA C 97 -8.19 25.94 18.69
N ALA C 98 -9.24 26.30 17.95
CA ALA C 98 -10.62 26.16 18.38
C ALA C 98 -11.49 25.55 17.28
N VAL C 99 -12.46 24.74 17.66
CA VAL C 99 -13.37 24.13 16.69
C VAL C 99 -14.75 23.85 17.27
N TRP C 100 -15.78 24.04 16.44
CA TRP C 100 -17.15 23.81 16.86
C TRP C 100 -17.52 22.34 16.73
N ALA C 101 -17.26 21.62 17.81
CA ALA C 101 -17.45 20.18 17.87
C ALA C 101 -17.32 19.74 19.31
N ARG C 102 -17.79 18.54 19.61
CA ARG C 102 -17.70 18.00 20.96
C ARG C 102 -16.27 17.55 21.36
N VAL C 103 -15.43 17.19 20.39
CA VAL C 103 -14.04 16.82 20.68
C VAL C 103 -13.07 17.59 19.80
N CYS C 104 -11.81 17.65 20.23
CA CYS C 104 -10.72 18.13 19.37
C CYS C 104 -10.46 17.20 18.17
N ARG C 105 -10.58 17.72 16.97
CA ARG C 105 -10.40 16.94 15.74
C ARG C 105 -10.20 17.89 14.56
N ASN C 106 -9.37 17.51 13.58
CA ASN C 106 -9.23 18.31 12.35
C ASN C 106 -10.56 18.27 11.58
N PRO C 107 -10.87 19.30 10.80
CA PRO C 107 -10.09 20.55 10.68
C PRO C 107 -10.56 21.55 11.72
N TYR C 108 -9.70 22.47 12.17
CA TYR C 108 -10.12 23.40 13.21
C TYR C 108 -10.74 24.65 12.57
N ASP C 109 -11.61 25.32 13.31
CA ASP C 109 -12.23 26.55 12.81
C ASP C 109 -11.22 27.70 12.86
N TYR C 110 -10.58 27.91 14.00
CA TYR C 110 -9.73 29.09 14.22
C TYR C 110 -8.35 28.70 14.77
N TRP C 111 -7.32 29.42 14.31
CA TRP C 111 -5.91 29.20 14.72
C TRP C 111 -5.28 30.50 15.15
N GLY C 112 -4.51 30.46 16.23
CA GLY C 112 -3.65 31.60 16.59
C GLY C 112 -2.43 31.72 15.68
N GLN C 113 -1.71 32.83 15.83
CA GLN C 113 -0.56 33.12 14.97
C GLN C 113 0.68 32.35 15.40
N GLY C 114 0.80 32.08 16.70
CA GLY C 114 1.85 31.20 17.23
C GLY C 114 2.87 31.95 18.07
N THR C 115 3.26 31.37 19.20
CA THR C 115 4.27 31.96 20.08
C THR C 115 5.51 31.07 20.27
N GLN C 116 6.69 31.69 20.21
CA GLN C 116 7.97 31.00 20.34
C GLN C 116 8.27 30.63 21.78
N VAL C 117 8.68 29.37 22.00
CA VAL C 117 9.12 28.90 23.34
C VAL C 117 10.47 28.18 23.20
N THR C 118 11.45 28.56 24.03
CA THR C 118 12.84 28.08 23.90
C THR C 118 13.38 27.59 25.26
N VAL C 119 13.58 26.27 25.39
CA VAL C 119 14.10 25.68 26.63
C VAL C 119 15.60 25.41 26.50
N SER C 120 16.41 26.39 26.88
CA SER C 120 17.88 26.27 26.78
C SER C 120 18.46 25.76 28.09
N SER C 121 19.29 24.73 28.00
CA SER C 121 19.89 24.10 29.17
C SER C 121 21.23 24.76 29.54
#